data_3BVP
#
_entry.id   3BVP
#
_cell.length_a   67.229
_cell.length_b   67.229
_cell.length_c   174.565
_cell.angle_alpha   90.000
_cell.angle_beta   90.000
_cell.angle_gamma   90.000
#
_symmetry.space_group_name_H-M   'P 41 21 2'
#
loop_
_entity.id
_entity.type
_entity.pdbx_description
1 polymer 'TP901-1 Integrase'
2 water water
#
_entity_poly.entity_id   1
_entity_poly.type   'polypeptide(L)'
_entity_poly.pdbx_seq_one_letter_code
;MAKKVAIYTRVSTTNQAEEGFSIDEQIDRLTKYAEAMGWQVSDTYTDAGFSGAKLERPAMQRLINDIENKAFDTVLVYKL
DRLSRSVRDTLYLVKDVFTKNKIDFISLNESIDTSSAMGSLFLTILSAINEFERELEY
;
_entity_poly.pdbx_strand_id   A,B
#
# COMPACT_ATOMS: atom_id res chain seq x y z
N LYS A 3 -12.49 -10.89 -7.58
CA LYS A 3 -12.20 -9.50 -8.05
C LYS A 3 -11.40 -9.50 -9.36
N LYS A 4 -11.92 -8.79 -10.36
CA LYS A 4 -11.26 -8.63 -11.64
C LYS A 4 -10.47 -7.32 -11.69
N VAL A 5 -9.22 -7.40 -12.14
CA VAL A 5 -8.24 -6.32 -12.02
C VAL A 5 -7.55 -6.13 -13.35
N ALA A 6 -7.38 -4.88 -13.77
CA ALA A 6 -6.63 -4.53 -14.98
C ALA A 6 -5.22 -4.13 -14.58
N ILE A 7 -4.21 -4.66 -15.27
CA ILE A 7 -2.86 -4.20 -15.02
C ILE A 7 -2.38 -3.24 -16.13
N TYR A 8 -1.82 -2.09 -15.74
CA TYR A 8 -1.24 -1.16 -16.71
C TYR A 8 0.28 -1.10 -16.58
N THR A 9 0.97 -1.35 -17.69
CA THR A 9 2.43 -1.28 -17.69
C THR A 9 2.98 -0.37 -18.79
N ARG A 10 4.11 0.27 -18.51
CA ARG A 10 4.71 1.17 -19.48
C ARG A 10 6.23 1.16 -19.42
N VAL A 11 6.86 1.26 -20.58
CA VAL A 11 8.27 1.61 -20.67
C VAL A 11 8.44 2.69 -21.74
N SER A 12 9.38 3.61 -21.52
CA SER A 12 9.70 4.66 -22.49
C SER A 12 10.34 4.15 -23.80
N THR A 13 11.11 3.06 -23.70
CA THR A 13 11.82 2.50 -24.86
C THR A 13 11.42 1.05 -25.13
N THR A 14 11.88 0.51 -26.25
CA THR A 14 11.57 -0.88 -26.62
C THR A 14 12.73 -1.84 -26.33
N ASN A 15 13.79 -1.35 -25.70
CA ASN A 15 14.94 -2.19 -25.30
C ASN A 15 14.76 -2.68 -23.87
N GLN A 16 14.07 -3.82 -23.74
CA GLN A 16 13.70 -4.36 -22.43
C GLN A 16 14.93 -4.66 -21.55
N ALA A 17 16.02 -5.13 -22.16
CA ALA A 17 17.25 -5.42 -21.45
C ALA A 17 17.81 -4.20 -20.70
N GLU A 18 17.53 -3.01 -21.22
CA GLU A 18 18.08 -1.78 -20.66
C GLU A 18 17.13 -0.95 -19.81
N GLU A 19 15.85 -1.31 -19.78
CA GLU A 19 14.89 -0.62 -18.92
C GLU A 19 15.13 -0.97 -17.46
N GLY A 20 14.93 0.01 -16.58
CA GLY A 20 15.03 -0.20 -15.12
C GLY A 20 14.10 -1.33 -14.67
N PHE A 21 12.85 -1.25 -15.12
CA PHE A 21 11.91 -2.34 -14.90
CA PHE A 21 11.86 -2.30 -14.87
C PHE A 21 11.16 -2.61 -16.20
N SER A 22 11.50 -3.73 -16.83
CA SER A 22 10.94 -4.07 -18.12
C SER A 22 9.44 -4.35 -18.03
N ILE A 23 8.76 -4.41 -19.17
CA ILE A 23 7.34 -4.78 -19.20
C ILE A 23 7.10 -6.11 -18.47
N ASP A 24 7.92 -7.10 -18.78
CA ASP A 24 7.80 -8.43 -18.18
C ASP A 24 8.01 -8.46 -16.67
N GLU A 25 8.92 -7.64 -16.17
CA GLU A 25 9.13 -7.58 -14.71
C GLU A 25 7.93 -6.94 -14.05
N GLN A 26 7.37 -5.92 -14.70
CA GLN A 26 6.17 -5.25 -14.22
C GLN A 26 4.99 -6.19 -14.18
N ILE A 27 4.77 -6.93 -15.27
CA ILE A 27 3.65 -7.86 -15.35
C ILE A 27 3.78 -8.97 -14.32
N ASP A 28 4.98 -9.54 -14.21
CA ASP A 28 5.25 -10.63 -13.26
C ASP A 28 4.95 -10.21 -11.82
N ARG A 29 5.50 -9.08 -11.37
CA ARG A 29 5.21 -8.57 -10.03
C ARG A 29 3.73 -8.31 -9.80
N LEU A 30 3.10 -7.63 -10.74
CA LEU A 30 1.69 -7.30 -10.62
C LEU A 30 0.80 -8.54 -10.59
N THR A 31 1.10 -9.51 -11.46
CA THR A 31 0.36 -10.77 -11.50
C THR A 31 0.54 -11.55 -10.21
N LYS A 32 1.81 -11.71 -9.79
CA LYS A 32 2.09 -12.39 -8.53
C LYS A 32 1.38 -11.73 -7.34
N TYR A 33 1.35 -10.41 -7.35
CA TYR A 33 0.67 -9.65 -6.30
C TYR A 33 -0.85 -9.90 -6.30
N ALA A 34 -1.47 -9.71 -7.47
CA ALA A 34 -2.91 -9.89 -7.60
C ALA A 34 -3.35 -11.29 -7.19
N GLU A 35 -2.51 -12.27 -7.52
CA GLU A 35 -2.81 -13.64 -7.19
C GLU A 35 -2.60 -13.99 -5.71
N ALA A 36 -1.63 -13.34 -5.06
CA ALA A 36 -1.46 -13.45 -3.61
C ALA A 36 -2.69 -12.90 -2.89
N MET A 37 -3.18 -11.73 -3.49
CA MET A 37 -4.38 -11.08 -2.97
C MET A 37 -5.65 -11.88 -3.24
N GLY A 38 -5.55 -12.94 -4.07
CA GLY A 38 -6.70 -13.79 -4.42
C GLY A 38 -7.52 -13.29 -5.61
N TRP A 39 -6.97 -12.34 -6.37
CA TRP A 39 -7.67 -11.75 -7.50
C TRP A 39 -7.34 -12.41 -8.82
N GLN A 40 -8.01 -11.93 -9.88
CA GLN A 40 -7.76 -12.38 -11.23
C GLN A 40 -7.50 -11.20 -12.15
N VAL A 41 -6.46 -11.31 -12.97
CA VAL A 41 -6.14 -10.29 -13.98
C VAL A 41 -7.04 -10.48 -15.20
N SER A 42 -7.95 -9.55 -15.40
CA SER A 42 -8.91 -9.60 -16.52
C SER A 42 -8.25 -9.21 -17.85
N ASP A 43 -7.31 -8.27 -17.80
CA ASP A 43 -6.39 -8.06 -18.94
C ASP A 43 -5.22 -7.13 -18.64
N THR A 44 -4.36 -7.04 -19.64
CA THR A 44 -3.08 -6.37 -19.55
C THR A 44 -3.04 -5.24 -20.57
N TYR A 45 -2.79 -4.03 -20.08
CA TYR A 45 -2.58 -2.88 -20.95
C TYR A 45 -1.10 -2.55 -20.92
N THR A 46 -0.50 -2.55 -22.10
CA THR A 46 0.95 -2.38 -22.23
C THR A 46 1.29 -1.31 -23.27
N ASP A 47 2.00 -0.28 -22.83
CA ASP A 47 2.56 0.74 -23.71
C ASP A 47 4.07 0.61 -23.72
N ALA A 48 4.59 -0.09 -24.71
CA ALA A 48 6.02 -0.30 -24.85
C ALA A 48 6.58 0.72 -25.84
N GLY A 49 7.30 1.71 -25.31
CA GLY A 49 7.91 2.76 -26.12
C GLY A 49 7.10 4.03 -26.15
N PHE A 50 6.59 4.44 -24.99
CA PHE A 50 5.81 5.67 -24.88
C PHE A 50 6.15 6.39 -23.60
N SER A 51 6.25 7.72 -23.70
CA SER A 51 6.47 8.58 -22.56
C SER A 51 5.27 8.61 -21.60
N GLY A 52 5.54 8.88 -20.33
CA GLY A 52 4.51 9.04 -19.32
C GLY A 52 4.13 10.51 -19.15
N ALA A 53 4.63 11.36 -20.04
CA ALA A 53 4.45 12.80 -19.92
C ALA A 53 3.06 13.24 -20.35
N LYS A 54 2.43 12.43 -21.19
CA LYS A 54 1.10 12.71 -21.74
C LYS A 54 0.27 11.44 -21.69
N LEU A 55 -1.05 11.59 -21.81
CA LEU A 55 -1.98 10.45 -21.75
C LEU A 55 -2.23 9.78 -23.12
N GLU A 56 -1.79 10.44 -24.19
CA GLU A 56 -2.00 9.97 -25.57
C GLU A 56 -1.08 8.78 -25.87
N ARG A 57 -1.50 7.61 -25.43
CA ARG A 57 -0.77 6.36 -25.64
C ARG A 57 -1.84 5.31 -25.92
N PRO A 58 -1.58 4.40 -26.87
CA PRO A 58 -2.65 3.50 -27.32
C PRO A 58 -3.31 2.69 -26.19
N ALA A 59 -2.52 1.96 -25.41
CA ALA A 59 -3.06 1.11 -24.34
C ALA A 59 -3.76 1.92 -23.24
N MET A 60 -3.20 3.07 -22.89
CA MET A 60 -3.83 3.93 -21.89
C MET A 60 -5.20 4.38 -22.40
N GLN A 61 -5.23 4.82 -23.66
CA GLN A 61 -6.49 5.20 -24.30
C GLN A 61 -7.50 4.04 -24.33
N ARG A 62 -7.01 2.85 -24.60
CA ARG A 62 -7.82 1.64 -24.58
C ARG A 62 -8.41 1.42 -23.18
N LEU A 63 -7.56 1.54 -22.17
CA LEU A 63 -7.97 1.38 -20.77
C LEU A 63 -9.07 2.36 -20.38
N ILE A 64 -8.89 3.63 -20.75
CA ILE A 64 -9.89 4.66 -20.48
C ILE A 64 -11.22 4.35 -21.18
N ASN A 65 -11.14 3.90 -22.43
CA ASN A 65 -12.33 3.54 -23.20
C ASN A 65 -13.07 2.33 -22.64
N ASP A 66 -12.30 1.33 -22.21
CA ASP A 66 -12.84 0.10 -21.64
C ASP A 66 -13.40 0.27 -20.23
N ILE A 67 -13.22 1.46 -19.67
CA ILE A 67 -13.62 1.76 -18.30
C ILE A 67 -15.14 1.68 -18.17
N GLU A 68 -15.85 2.10 -19.22
CA GLU A 68 -17.30 2.08 -19.22
C GLU A 68 -17.87 0.73 -19.67
N ASN A 69 -17.22 -0.36 -19.28
CA ASN A 69 -17.67 -1.70 -19.61
C ASN A 69 -17.84 -2.57 -18.37
N LYS A 70 -17.35 -2.08 -17.24
CA LYS A 70 -17.33 -2.81 -15.97
C LYS A 70 -16.64 -4.19 -16.10
N ALA A 71 -15.63 -4.25 -16.97
CA ALA A 71 -14.81 -5.44 -17.19
C ALA A 71 -13.96 -5.76 -15.95
N PHE A 72 -13.55 -4.71 -15.24
CA PHE A 72 -12.74 -4.80 -14.03
C PHE A 72 -13.18 -3.71 -13.04
N ASP A 73 -12.72 -3.81 -11.79
CA ASP A 73 -13.04 -2.80 -10.79
C ASP A 73 -11.80 -2.24 -10.07
N THR A 74 -10.62 -2.64 -10.52
CA THR A 74 -9.36 -2.12 -10.01
C THR A 74 -8.35 -2.01 -11.14
N VAL A 75 -7.59 -0.92 -11.10
CA VAL A 75 -6.44 -0.72 -11.98
C VAL A 75 -5.16 -0.81 -11.15
N LEU A 76 -4.24 -1.66 -11.58
CA LEU A 76 -2.99 -1.89 -10.84
C LEU A 76 -1.78 -1.43 -11.63
N VAL A 77 -0.90 -0.65 -11.00
CA VAL A 77 0.41 -0.34 -11.59
C VAL A 77 1.54 -0.69 -10.64
N TYR A 78 2.71 -0.95 -11.20
CA TYR A 78 3.86 -1.32 -10.39
C TYR A 78 4.41 -0.10 -9.66
N LYS A 79 4.44 1.02 -10.37
CA LYS A 79 4.97 2.27 -9.87
C LYS A 79 4.12 3.40 -10.47
N LEU A 80 3.83 4.41 -9.67
CA LEU A 80 2.99 5.51 -10.12
C LEU A 80 3.50 6.12 -11.43
N ASP A 81 4.81 6.27 -11.57
CA ASP A 81 5.36 6.92 -12.77
C ASP A 81 5.10 6.14 -14.06
N ARG A 82 4.71 4.87 -13.91
CA ARG A 82 4.34 4.07 -15.07
C ARG A 82 2.99 4.57 -15.56
N LEU A 83 2.10 4.90 -14.64
CA LEU A 83 0.76 5.42 -15.03
C LEU A 83 0.87 6.78 -15.71
N SER A 84 1.62 7.68 -15.06
CA SER A 84 1.84 9.04 -15.54
C SER A 84 3.00 9.69 -14.80
N ARG A 85 3.69 10.60 -15.49
CA ARG A 85 4.71 11.38 -14.84
C ARG A 85 4.26 12.84 -14.71
N SER A 86 2.95 13.03 -14.78
CA SER A 86 2.35 14.33 -14.56
C SER A 86 1.37 14.24 -13.38
N VAL A 87 1.52 15.10 -12.39
CA VAL A 87 0.60 15.15 -11.25
C VAL A 87 -0.80 15.50 -11.72
N ARG A 88 -0.91 16.50 -12.59
CA ARG A 88 -2.20 16.89 -13.14
C ARG A 88 -2.89 15.74 -13.88
N ASP A 89 -2.14 15.02 -14.74
CA ASP A 89 -2.69 13.87 -15.46
C ASP A 89 -3.08 12.73 -14.50
N THR A 90 -2.32 12.57 -13.42
CA THR A 90 -2.56 11.52 -12.45
C THR A 90 -3.82 11.82 -11.66
N LEU A 91 -3.98 13.08 -11.26
CA LEU A 91 -5.17 13.50 -10.55
C LEU A 91 -6.41 13.30 -11.45
N TYR A 92 -6.29 13.65 -12.73
CA TYR A 92 -7.35 13.43 -13.69
C TYR A 92 -7.68 11.95 -13.82
N LEU A 93 -6.67 11.13 -14.06
CA LEU A 93 -6.93 9.70 -14.23
C LEU A 93 -7.58 9.12 -12.98
N VAL A 94 -6.92 9.25 -11.84
CA VAL A 94 -7.34 8.55 -10.63
C VAL A 94 -8.63 9.13 -10.08
N LYS A 95 -8.76 10.45 -10.09
CA LYS A 95 -9.97 11.09 -9.57
C LYS A 95 -11.14 11.09 -10.54
N ASP A 96 -10.93 11.61 -11.75
CA ASP A 96 -12.04 11.85 -12.70
C ASP A 96 -12.32 10.69 -13.65
N VAL A 97 -11.44 9.69 -13.68
CA VAL A 97 -11.65 8.54 -14.56
C VAL A 97 -11.89 7.26 -13.76
N PHE A 98 -10.98 6.95 -12.83
CA PHE A 98 -11.11 5.76 -11.99
C PHE A 98 -12.15 5.93 -10.88
N THR A 99 -11.88 6.82 -9.92
CA THR A 99 -12.83 7.04 -8.81
C THR A 99 -14.25 7.36 -9.29
N LYS A 100 -14.35 8.24 -10.28
CA LYS A 100 -15.65 8.63 -10.83
C LYS A 100 -16.47 7.43 -11.33
N ASN A 101 -15.79 6.39 -11.81
CA ASN A 101 -16.47 5.19 -12.28
C ASN A 101 -16.42 4.01 -11.31
N LYS A 102 -16.17 4.31 -10.04
CA LYS A 102 -16.11 3.30 -8.98
C LYS A 102 -15.03 2.24 -9.22
N ILE A 103 -13.91 2.66 -9.78
CA ILE A 103 -12.77 1.80 -10.01
C ILE A 103 -11.63 2.22 -9.09
N ASP A 104 -11.16 1.27 -8.28
CA ASP A 104 -10.04 1.55 -7.38
C ASP A 104 -8.72 1.52 -8.14
N PHE A 105 -7.71 2.14 -7.55
CA PHE A 105 -6.40 2.22 -8.17
C PHE A 105 -5.36 1.83 -7.13
N ILE A 106 -4.45 0.94 -7.52
CA ILE A 106 -3.35 0.58 -6.64
C ILE A 106 -2.02 0.81 -7.35
N SER A 107 -1.11 1.52 -6.68
CA SER A 107 0.28 1.64 -7.14
C SER A 107 1.13 0.92 -6.12
N LEU A 108 1.72 -0.20 -6.53
CA LEU A 108 2.37 -1.10 -5.60
C LEU A 108 3.55 -0.45 -4.87
N ASN A 109 4.45 0.17 -5.63
CA ASN A 109 5.67 0.71 -5.07
C ASN A 109 5.43 1.76 -4.00
N GLU A 110 4.34 2.50 -4.16
CA GLU A 110 3.99 3.61 -3.30
C GLU A 110 3.04 3.21 -2.19
N SER A 111 2.56 1.96 -2.29
CA SER A 111 1.51 1.39 -1.45
C SER A 111 0.40 2.40 -1.26
N ILE A 112 -0.17 2.76 -2.41
CA ILE A 112 -1.31 3.62 -2.51
C ILE A 112 -2.46 2.76 -3.04
N ASP A 113 -3.55 2.69 -2.28
CA ASP A 113 -4.73 1.98 -2.72
C ASP A 113 -5.93 2.86 -2.41
N THR A 114 -6.63 3.32 -3.44
CA THR A 114 -7.67 4.33 -3.27
C THR A 114 -8.93 3.77 -2.62
N SER A 115 -9.02 2.45 -2.50
CA SER A 115 -10.12 1.87 -1.76
C SER A 115 -9.89 1.92 -0.24
N SER A 116 -8.70 2.29 0.21
CA SER A 116 -8.42 2.35 1.63
C SER A 116 -8.63 3.77 2.14
N ALA A 117 -8.84 3.88 3.44
CA ALA A 117 -9.04 5.19 4.07
C ALA A 117 -7.85 6.10 3.84
N MET A 118 -6.66 5.55 3.96
CA MET A 118 -5.50 6.41 3.85
C MET A 118 -5.12 6.67 2.40
N GLY A 119 -5.50 5.76 1.51
CA GLY A 119 -5.26 5.96 0.08
C GLY A 119 -6.18 7.03 -0.47
N SER A 120 -7.45 7.03 -0.08
CA SER A 120 -8.34 8.08 -0.56
C SER A 120 -7.98 9.43 0.06
N LEU A 121 -7.64 9.44 1.34
CA LEU A 121 -7.16 10.69 1.95
C LEU A 121 -5.88 11.21 1.29
N PHE A 122 -4.96 10.33 0.92
CA PHE A 122 -3.77 10.75 0.21
C PHE A 122 -4.15 11.53 -1.04
N LEU A 123 -5.14 11.02 -1.78
CA LEU A 123 -5.58 11.67 -3.01
C LEU A 123 -6.18 13.05 -2.77
N THR A 124 -7.03 13.14 -1.78
CA THR A 124 -7.64 14.39 -1.40
C THR A 124 -6.55 15.41 -1.06
N ILE A 125 -5.51 14.95 -0.35
CA ILE A 125 -4.42 15.83 0.11
C ILE A 125 -3.57 16.28 -1.09
N LEU A 126 -3.26 15.34 -1.99
CA LEU A 126 -2.47 15.62 -3.18
C LEU A 126 -3.16 16.68 -4.03
N SER A 127 -4.48 16.50 -4.22
CA SER A 127 -5.30 17.43 -5.00
C SER A 127 -5.33 18.82 -4.36
N ALA A 128 -5.51 18.86 -3.04
CA ALA A 128 -5.64 20.15 -2.32
C ALA A 128 -4.32 20.91 -2.33
N ILE A 129 -3.24 20.18 -2.07
CA ILE A 129 -1.91 20.75 -2.05
C ILE A 129 -1.41 21.16 -3.42
N ASN A 130 -1.69 20.33 -4.43
CA ASN A 130 -1.35 20.69 -5.77
C ASN A 130 -2.02 21.98 -6.24
N GLU A 131 -3.31 22.14 -5.92
CA GLU A 131 -4.06 23.36 -6.25
C GLU A 131 -3.48 24.58 -5.51
N PHE A 132 -3.04 24.37 -4.28
CA PHE A 132 -2.50 25.42 -3.45
C PHE A 132 -1.14 25.90 -3.99
N GLU A 133 -0.28 24.95 -4.32
CA GLU A 133 1.01 25.23 -4.97
C GLU A 133 0.87 26.00 -6.27
N ARG A 134 -0.04 25.55 -7.11
CA ARG A 134 -0.27 26.18 -8.40
C ARG A 134 -0.74 27.62 -8.27
N GLU A 135 -1.57 27.88 -7.25
CA GLU A 135 -2.04 29.22 -6.96
C GLU A 135 -0.93 30.13 -6.41
N LEU A 136 -0.03 29.57 -5.61
CA LEU A 136 1.13 30.30 -5.11
C LEU A 136 2.07 30.69 -6.25
N GLU A 137 2.31 29.75 -7.17
CA GLU A 137 3.30 29.98 -8.25
C GLU A 137 2.71 30.74 -9.44
N TYR A 138 1.38 30.78 -9.49
CA TYR A 138 0.60 31.50 -10.50
C TYR A 138 -0.42 32.45 -9.89
N LYS B 3 13.58 -7.18 1.75
CA LYS B 3 13.02 -7.07 3.13
C LYS B 3 13.05 -8.40 3.90
N LYS B 4 13.31 -8.32 5.19
CA LYS B 4 13.24 -9.45 6.10
C LYS B 4 12.12 -9.13 7.07
N VAL B 5 11.03 -9.88 7.02
CA VAL B 5 9.81 -9.46 7.70
C VAL B 5 9.42 -10.34 8.89
N ALA B 6 8.90 -9.71 9.94
CA ALA B 6 8.31 -10.43 11.06
C ALA B 6 6.78 -10.33 10.90
N ILE B 7 6.10 -11.47 10.99
CA ILE B 7 4.65 -11.50 10.83
C ILE B 7 4.01 -11.55 12.21
N TYR B 8 3.11 -10.60 12.48
CA TYR B 8 2.40 -10.60 13.74
C TYR B 8 0.94 -10.89 13.47
N THR B 9 0.39 -11.88 14.16
CA THR B 9 -1.04 -12.16 14.05
C THR B 9 -1.66 -12.31 15.44
N ARG B 10 -2.96 -12.02 15.53
CA ARG B 10 -3.67 -12.08 16.81
C ARG B 10 -5.14 -12.37 16.55
N VAL B 11 -5.76 -13.13 17.47
CA VAL B 11 -7.21 -13.19 17.63
C VAL B 11 -7.50 -13.07 19.13
N SER B 12 -8.66 -12.54 19.48
CA SER B 12 -9.06 -12.52 20.88
C SER B 12 -9.75 -13.85 21.25
N THR B 13 -10.14 -14.02 22.50
CA THR B 13 -10.76 -15.28 22.93
C THR B 13 -12.12 -15.55 22.28
N GLY B 20 -13.67 -11.43 12.28
CA GLY B 20 -12.49 -11.13 11.46
C GLY B 20 -11.92 -12.36 10.79
N PHE B 21 -10.62 -12.59 10.93
CA PHE B 21 -10.00 -13.77 10.35
C PHE B 21 -9.24 -14.56 11.38
N SER B 22 -9.22 -15.87 11.20
CA SER B 22 -8.49 -16.78 12.09
C SER B 22 -6.98 -16.56 12.04
N ILE B 23 -6.28 -17.12 13.03
CA ILE B 23 -4.81 -17.12 13.03
C ILE B 23 -4.29 -17.75 11.73
N ASP B 24 -4.79 -18.94 11.41
CA ASP B 24 -4.34 -19.63 10.21
C ASP B 24 -4.52 -18.78 8.94
N GLU B 25 -5.63 -18.07 8.85
CA GLU B 25 -5.90 -17.28 7.67
C GLU B 25 -4.97 -16.07 7.59
N GLN B 26 -4.75 -15.41 8.73
CA GLN B 26 -3.84 -14.27 8.77
C GLN B 26 -2.45 -14.70 8.34
N ILE B 27 -1.97 -15.81 8.88
CA ILE B 27 -0.66 -16.34 8.56
C ILE B 27 -0.55 -16.67 7.07
N ASP B 28 -1.57 -17.32 6.54
CA ASP B 28 -1.65 -17.65 5.14
C ASP B 28 -1.63 -16.43 4.22
N ARG B 29 -2.48 -15.43 4.48
CA ARG B 29 -2.52 -14.24 3.61
C ARG B 29 -1.20 -13.49 3.61
N LEU B 30 -0.57 -13.44 4.78
CA LEU B 30 0.65 -12.66 4.97
C LEU B 30 1.91 -13.36 4.44
N THR B 31 1.96 -14.69 4.55
CA THR B 31 3.04 -15.46 3.94
C THR B 31 2.97 -15.38 2.41
N LYS B 32 1.78 -15.53 1.85
CA LYS B 32 1.58 -15.38 0.41
C LYS B 32 1.98 -13.99 -0.09
N TYR B 33 1.64 -12.97 0.68
CA TYR B 33 1.96 -11.60 0.33
C TYR B 33 3.48 -11.39 0.33
N ALA B 34 4.13 -11.79 1.43
CA ALA B 34 5.58 -11.67 1.57
C ALA B 34 6.32 -12.38 0.42
N GLU B 35 5.90 -13.60 0.10
CA GLU B 35 6.52 -14.38 -0.98
C GLU B 35 6.31 -13.75 -2.35
N ALA B 36 5.12 -13.23 -2.61
CA ALA B 36 4.83 -12.53 -3.87
C ALA B 36 5.66 -11.25 -4.07
N MET B 37 6.05 -10.63 -2.96
CA MET B 37 6.85 -9.41 -2.96
C MET B 37 8.34 -9.73 -3.02
N GLY B 38 8.68 -11.00 -2.81
CA GLY B 38 10.07 -11.45 -2.81
C GLY B 38 10.73 -11.36 -1.45
N TRP B 39 9.93 -11.16 -0.41
CA TRP B 39 10.47 -10.97 0.93
C TRP B 39 10.71 -12.30 1.64
N GLN B 40 11.56 -12.27 2.67
CA GLN B 40 11.79 -13.44 3.54
C GLN B 40 11.11 -13.24 4.89
N VAL B 41 10.34 -14.21 5.36
CA VAL B 41 9.82 -14.11 6.72
C VAL B 41 10.86 -14.62 7.71
N SER B 42 11.20 -13.79 8.69
CA SER B 42 12.20 -14.19 9.70
C SER B 42 11.59 -15.00 10.82
N ASP B 43 10.36 -14.67 11.19
CA ASP B 43 9.62 -15.45 12.18
C ASP B 43 8.16 -15.03 12.21
N THR B 44 7.34 -15.88 12.80
CA THR B 44 5.94 -15.53 13.04
C THR B 44 5.74 -15.32 14.52
N TYR B 45 4.88 -14.37 14.84
CA TYR B 45 4.59 -13.96 16.20
C TYR B 45 3.08 -14.03 16.31
N THR B 46 2.60 -14.99 17.10
CA THR B 46 1.18 -15.31 17.15
C THR B 46 0.62 -15.14 18.56
N ASP B 47 -0.36 -14.27 18.70
CA ASP B 47 -1.11 -14.14 19.97
C ASP B 47 -2.54 -14.69 19.82
N ALA B 48 -2.69 -16.00 20.04
CA ALA B 48 -3.97 -16.66 19.89
C ALA B 48 -4.75 -16.65 21.20
N GLY B 49 -5.73 -15.75 21.30
CA GLY B 49 -6.59 -15.67 22.48
C GLY B 49 -6.23 -14.53 23.43
N PHE B 50 -5.94 -13.37 22.86
CA PHE B 50 -5.52 -12.18 23.60
C PHE B 50 -6.21 -10.91 23.08
N SER B 51 -6.54 -10.02 24.00
CA SER B 51 -7.15 -8.74 23.69
C SER B 51 -6.14 -7.77 23.05
N GLY B 52 -6.61 -6.92 22.16
CA GLY B 52 -5.79 -5.87 21.58
C GLY B 52 -5.88 -4.56 22.34
N ALA B 53 -6.62 -4.59 23.46
CA ALA B 53 -6.83 -3.39 24.28
C ALA B 53 -5.53 -2.90 24.89
N LYS B 54 -4.62 -3.84 25.19
CA LYS B 54 -3.34 -3.53 25.82
C LYS B 54 -2.20 -4.27 25.13
N LEU B 55 -0.98 -3.86 25.42
CA LEU B 55 0.21 -4.41 24.75
C LEU B 55 0.83 -5.63 25.46
N GLU B 56 0.41 -5.87 26.69
CA GLU B 56 0.87 -7.03 27.47
C GLU B 56 0.33 -8.35 26.88
N ARG B 57 1.09 -8.90 25.91
CA ARG B 57 0.72 -10.14 25.23
C ARG B 57 2.04 -10.85 24.91
N PRO B 58 2.12 -12.17 25.12
CA PRO B 58 3.41 -12.87 25.03
C PRO B 58 4.13 -12.74 23.69
N ALA B 59 3.44 -12.99 22.57
CA ALA B 59 4.10 -12.88 21.25
C ALA B 59 4.48 -11.44 20.86
N MET B 60 3.67 -10.47 21.24
CA MET B 60 3.96 -9.04 21.02
C MET B 60 5.25 -8.67 21.76
N GLN B 61 5.35 -9.10 23.01
CA GLN B 61 6.52 -8.83 23.83
C GLN B 61 7.77 -9.49 23.28
N ARG B 62 7.63 -10.72 22.79
CA ARG B 62 8.75 -11.41 22.17
C ARG B 62 9.23 -10.63 20.94
N LEU B 63 8.28 -10.12 20.15
CA LEU B 63 8.57 -9.27 19.00
C LEU B 63 9.37 -8.03 19.37
N ILE B 64 8.86 -7.27 20.34
CA ILE B 64 9.51 -6.04 20.82
C ILE B 64 10.91 -6.31 21.40
N ASN B 65 11.05 -7.44 22.09
CA ASN B 65 12.34 -7.80 22.66
C ASN B 65 13.32 -8.29 21.60
N ASP B 66 12.80 -8.81 20.50
CA ASP B 66 13.61 -9.30 19.39
C ASP B 66 14.14 -8.21 18.47
N ILE B 67 13.65 -6.98 18.64
CA ILE B 67 14.15 -5.83 17.89
C ILE B 67 15.69 -5.72 17.99
N GLU B 68 16.21 -5.79 19.22
CA GLU B 68 17.65 -5.69 19.46
C GLU B 68 18.47 -6.69 18.63
N ASN B 69 17.86 -7.83 18.29
CA ASN B 69 18.53 -8.92 17.56
C ASN B 69 18.83 -8.59 16.09
N LYS B 70 17.98 -7.74 15.51
CA LYS B 70 18.08 -7.32 14.10
C LYS B 70 17.86 -8.43 13.07
N ALA B 71 16.95 -9.36 13.38
CA ALA B 71 16.64 -10.44 12.45
C ALA B 71 15.56 -10.06 11.43
N PHE B 72 14.96 -8.88 11.58
CA PHE B 72 13.97 -8.38 10.63
C PHE B 72 14.00 -6.86 10.53
N ASP B 73 13.54 -6.33 9.41
CA ASP B 73 13.54 -4.87 9.23
C ASP B 73 12.14 -4.31 8.92
N THR B 74 11.14 -5.20 9.01
CA THR B 74 9.73 -4.88 8.79
C THR B 74 8.84 -5.76 9.68
N VAL B 75 7.80 -5.14 10.24
CA VAL B 75 6.75 -5.88 10.93
C VAL B 75 5.53 -5.87 10.02
N LEU B 76 4.96 -7.03 9.75
CA LEU B 76 3.83 -7.15 8.82
C LEU B 76 2.57 -7.72 9.53
N VAL B 77 1.44 -6.98 9.48
CA VAL B 77 0.14 -7.47 10.00
C VAL B 77 -0.92 -7.44 8.92
N TYR B 78 -1.98 -8.24 9.10
CA TYR B 78 -3.05 -8.32 8.10
C TYR B 78 -3.95 -7.09 8.15
N LYS B 79 -4.21 -6.60 9.35
CA LYS B 79 -5.13 -5.50 9.61
C LYS B 79 -4.55 -4.80 10.82
N LEU B 80 -4.57 -3.47 10.81
CA LEU B 80 -4.02 -2.66 11.91
C LEU B 80 -4.55 -3.07 13.29
N ASP B 81 -5.81 -3.44 13.38
CA ASP B 81 -6.41 -3.73 14.67
C ASP B 81 -5.92 -5.06 15.28
N ARG B 82 -5.18 -5.86 14.51
CA ARG B 82 -4.48 -7.01 15.07
C ARG B 82 -3.38 -6.53 15.97
N LEU B 83 -2.64 -5.53 15.50
CA LEU B 83 -1.56 -4.92 16.26
C LEU B 83 -2.10 -4.34 17.56
N SER B 84 -3.14 -3.53 17.47
CA SER B 84 -3.72 -2.92 18.65
C SER B 84 -5.08 -2.32 18.35
N ARG B 85 -5.93 -2.27 19.37
CA ARG B 85 -7.23 -1.59 19.31
C ARG B 85 -7.15 -0.23 19.99
N SER B 86 -5.92 0.21 20.25
CA SER B 86 -5.70 1.51 20.86
C SER B 86 -4.90 2.40 19.93
N VAL B 87 -5.42 3.58 19.63
CA VAL B 87 -4.68 4.54 18.82
C VAL B 87 -3.38 4.94 19.52
N ARG B 88 -3.47 5.24 20.79
CA ARG B 88 -2.29 5.57 21.58
C ARG B 88 -1.20 4.47 21.55
N ASP B 89 -1.59 3.20 21.76
CA ASP B 89 -0.61 2.09 21.71
C ASP B 89 -0.04 1.86 20.31
N THR B 90 -0.88 1.96 19.30
CA THR B 90 -0.49 1.86 17.89
C THR B 90 0.58 2.90 17.55
N LEU B 91 0.35 4.14 17.99
CA LEU B 91 1.31 5.20 17.76
C LEU B 91 2.63 4.95 18.50
N TYR B 92 2.54 4.51 19.75
CA TYR B 92 3.71 4.11 20.53
C TYR B 92 4.50 3.02 19.82
N LEU B 93 3.82 1.93 19.47
CA LEU B 93 4.48 0.83 18.76
C LEU B 93 5.11 1.26 17.45
N VAL B 94 4.31 1.81 16.55
CA VAL B 94 4.77 2.15 15.21
C VAL B 94 5.78 3.30 15.22
N LYS B 95 5.49 4.35 15.98
CA LYS B 95 6.34 5.52 15.97
C LYS B 95 7.55 5.32 16.88
N ASP B 96 7.31 5.05 18.16
CA ASP B 96 8.37 5.02 19.17
C ASP B 96 9.12 3.69 19.34
N VAL B 97 8.59 2.60 18.78
CA VAL B 97 9.28 1.30 18.87
C VAL B 97 9.80 0.84 17.51
N PHE B 98 8.96 0.79 16.48
CA PHE B 98 9.41 0.30 15.18
C PHE B 98 10.23 1.35 14.45
N THR B 99 9.62 2.50 14.16
CA THR B 99 10.32 3.57 13.42
C THR B 99 11.60 3.99 14.14
N LYS B 100 11.52 4.18 15.45
CA LYS B 100 12.66 4.59 16.28
C LYS B 100 13.85 3.64 16.08
N ASN B 101 13.56 2.37 15.81
CA ASN B 101 14.59 1.34 15.58
C ASN B 101 14.83 0.95 14.12
N LYS B 102 14.32 1.78 13.20
CA LYS B 102 14.54 1.60 11.76
C LYS B 102 13.84 0.34 11.26
N ILE B 103 12.71 0.04 11.87
CA ILE B 103 11.87 -1.06 11.44
C ILE B 103 10.59 -0.51 10.81
N ASP B 104 10.36 -0.89 9.55
CA ASP B 104 9.17 -0.52 8.80
C ASP B 104 7.95 -1.32 9.23
N PHE B 105 6.77 -0.78 8.97
CA PHE B 105 5.55 -1.41 9.41
C PHE B 105 4.58 -1.43 8.27
N ILE B 106 4.00 -2.60 8.03
CA ILE B 106 3.04 -2.76 6.95
C ILE B 106 1.77 -3.38 7.48
N SER B 107 0.64 -2.77 7.16
CA SER B 107 -0.67 -3.32 7.43
C SER B 107 -1.34 -3.54 6.10
N LEU B 108 -1.47 -4.81 5.71
CA LEU B 108 -1.89 -5.16 4.37
C LEU B 108 -3.28 -4.62 4.02
N ASN B 109 -4.25 -4.80 4.92
CA ASN B 109 -5.64 -4.40 4.66
C ASN B 109 -5.86 -2.88 4.50
N GLU B 110 -5.13 -2.08 5.27
CA GLU B 110 -5.20 -0.62 5.22
C GLU B 110 -4.25 -0.02 4.18
N SER B 111 -3.46 -0.90 3.56
CA SER B 111 -2.40 -0.55 2.62
C SER B 111 -1.52 0.59 3.17
N ILE B 112 -1.00 0.36 4.38
CA ILE B 112 -0.19 1.32 5.09
C ILE B 112 1.20 0.71 5.17
N ASP B 113 2.19 1.43 4.66
CA ASP B 113 3.57 0.99 4.66
C ASP B 113 4.42 2.18 5.06
N THR B 114 4.93 2.16 6.28
CA THR B 114 5.71 3.30 6.78
C THR B 114 7.02 3.55 6.02
N SER B 115 7.46 2.60 5.17
CA SER B 115 8.62 2.87 4.33
C SER B 115 8.26 3.66 3.08
N SER B 116 6.97 3.82 2.79
CA SER B 116 6.55 4.66 1.66
C SER B 116 6.36 6.09 2.11
N ALA B 117 6.44 7.03 1.18
CA ALA B 117 6.19 8.42 1.49
C ALA B 117 4.79 8.64 2.06
N MET B 118 3.79 7.96 1.51
CA MET B 118 2.46 8.23 2.01
C MET B 118 2.13 7.49 3.32
N GLY B 119 2.71 6.32 3.51
CA GLY B 119 2.55 5.62 4.80
C GLY B 119 3.20 6.42 5.92
N SER B 120 4.38 6.97 5.63
CA SER B 120 5.10 7.81 6.58
C SER B 120 4.34 9.10 6.92
N LEU B 121 3.82 9.79 5.91
CA LEU B 121 2.94 10.96 6.13
C LEU B 121 1.68 10.60 6.94
N PHE B 122 1.05 9.48 6.60
CA PHE B 122 -0.14 9.05 7.32
C PHE B 122 0.10 8.95 8.81
N LEU B 123 1.19 8.29 9.17
CA LEU B 123 1.62 8.18 10.55
C LEU B 123 1.84 9.55 11.23
N THR B 124 2.41 10.49 10.48
CA THR B 124 2.65 11.84 10.98
C THR B 124 1.33 12.58 11.22
N ILE B 125 0.39 12.39 10.30
CA ILE B 125 -0.91 13.07 10.38
C ILE B 125 -1.74 12.47 11.54
N LEU B 126 -1.76 11.15 11.64
CA LEU B 126 -2.50 10.46 12.69
C LEU B 126 -2.01 10.93 14.08
N SER B 127 -0.69 11.01 14.25
CA SER B 127 -0.08 11.48 15.49
C SER B 127 -0.49 12.94 15.78
N ALA B 128 -0.36 13.82 14.79
CA ALA B 128 -0.67 15.25 14.98
C ALA B 128 -2.16 15.45 15.27
N ILE B 129 -3.02 14.76 14.54
CA ILE B 129 -4.46 14.86 14.76
C ILE B 129 -4.93 14.25 16.10
N ASN B 130 -4.42 13.08 16.45
CA ASN B 130 -4.73 12.49 17.73
C ASN B 130 -4.39 13.44 18.90
N GLU B 131 -3.25 14.11 18.80
CA GLU B 131 -2.81 15.04 19.85
C GLU B 131 -3.77 16.24 19.89
N PHE B 132 -4.22 16.69 18.71
CA PHE B 132 -5.14 17.81 18.60
C PHE B 132 -6.49 17.47 19.23
N GLU B 133 -7.01 16.30 18.89
CA GLU B 133 -8.20 15.74 19.50
C GLU B 133 -8.10 15.62 21.02
N ARG B 134 -7.01 15.06 21.55
CA ARG B 134 -6.82 14.96 23.01
CA ARG B 134 -6.87 14.95 23.00
C ARG B 134 -6.95 16.34 23.64
N GLU B 135 -6.26 17.31 23.07
CA GLU B 135 -6.19 18.65 23.62
C GLU B 135 -7.55 19.37 23.62
N LEU B 136 -8.36 19.11 22.61
CA LEU B 136 -9.72 19.64 22.57
C LEU B 136 -10.60 19.02 23.66
N GLU B 137 -10.48 17.71 23.82
CA GLU B 137 -11.44 16.92 24.60
C GLU B 137 -11.05 16.76 26.05
N TYR B 138 -9.79 17.02 26.38
CA TYR B 138 -9.31 16.75 27.72
C TYR B 138 -9.85 17.80 28.67
#